data_2XYB
#
_entry.id   2XYB
#
_cell.length_a   145.296
_cell.length_b   62.902
_cell.length_c   91.416
_cell.angle_alpha   90.00
_cell.angle_beta   126.70
_cell.angle_gamma   90.00
#
_symmetry.space_group_name_H-M   'C 1 2 1'
#
loop_
_entity.id
_entity.type
_entity.pdbx_description
1 polymer LACCASE
2 branched alpha-D-mannopyranose-(1-6)-beta-D-mannopyranose-(1-4)-2-acetamido-2-deoxy-beta-D-glucopyranose-(1-4)-2-acetamido-2-deoxy-beta-D-glucopyranose
3 branched 2-acetamido-2-deoxy-beta-D-glucopyranose-(1-4)-2-acetamido-2-deoxy-beta-D-glucopyranose
4 branched beta-D-mannopyranose-(1-4)-2-acetamido-2-deoxy-beta-D-glucopyranose-(1-4)-2-acetamido-2-deoxy-beta-D-glucopyranose
5 non-polymer 'COPPER (II) ION'
6 non-polymer 'PEROXIDE ION'
7 non-polymer 2-acetamido-2-deoxy-beta-D-glucopyranose
8 non-polymer ACETYLSULFATE
9 non-polymer 'ACETATE ION'
10 non-polymer 'SULFATE ION'
11 non-polymer GLYCEROL
12 non-polymer 'ZINC ION'
13 non-polymer 'SODIUM ION'
14 water water
#
_entity_poly.entity_id   1
_entity_poly.type   'polypeptide(L)'
_entity_poly.pdbx_seq_one_letter_code
;AIGPVADLTLTNAQVSPDGFAREAVVVNGITPAPLITGNKGDRFQLNVIDQLTNHTMLKTSSIHWHGFFQQGTNWADGPA
FVNQCPIASGHSFLYDFQVPDQAGTFWYHSHLSTQYCDGLRGPFVVYDPNDPHASLYDIDNDDTVITLADWYHVAAKLGP
RFPFGSDSTLINGLGRTTGIAPSDLAVIKVTQGKRYRFRLVSLSCDPNHTFSIDNHTMTIIEADSINTQPLEVDSIQIFA
AQRYSFVLDASQPVDNYWIRANPAFGNTGFAGGINSAILRYDGAPEIEPTSVQTTPTKPLNEVDLHPLSPMPVPGSPEPG
GVDKPLNLVFNFNGTNFFINDHTFVPPSVPVLLQILSGAQAAQDLVPEGSVFVLPSNSSIEISFPATANAPGFPHPFHLH
GHAFAVVRSAGSSVYNYDNPIFRDVVSTGQPGDNVTIRFETNNPGPWFLHCHIDFHLDAGFAVVMAEDTPDTKAANPVPQ
AWSDLCPIYDALDPSDL
;
_entity_poly.pdbx_strand_id   A
#
loop_
_chem_comp.id
_chem_comp.type
_chem_comp.name
_chem_comp.formula
ACT non-polymer 'ACETATE ION' 'C2 H3 O2 -1'
AS8 non-polymer ACETYLSULFATE 'C2 H4 O5 S'
BMA D-saccharide, beta linking beta-D-mannopyranose 'C6 H12 O6'
CU non-polymer 'COPPER (II) ION' 'Cu 2'
GOL non-polymer GLYCEROL 'C3 H8 O3'
MAN D-saccharide, alpha linking alpha-D-mannopyranose 'C6 H12 O6'
NA non-polymer 'SODIUM ION' 'Na 1'
NAG D-saccharide, beta linking 2-acetamido-2-deoxy-beta-D-glucopyranose 'C8 H15 N O6'
PER non-polymer 'PEROXIDE ION' 'O2 -2'
SO4 non-polymer 'SULFATE ION' 'O4 S -2'
ZN non-polymer 'ZINC ION' 'Zn 2'
#
# COMPACT_ATOMS: atom_id res chain seq x y z
N ALA A 1 -4.06 -13.99 -14.65
CA ALA A 1 -3.72 -14.30 -13.15
C ALA A 1 -3.68 -15.69 -12.36
N ILE A 2 -3.28 -15.62 -11.08
CA ILE A 2 -3.28 -16.76 -10.11
C ILE A 2 -4.17 -16.50 -8.90
N GLY A 3 -4.47 -17.53 -8.10
CA GLY A 3 -5.33 -17.40 -6.87
C GLY A 3 -6.78 -17.81 -7.20
N PRO A 4 -7.62 -17.95 -6.18
CA PRO A 4 -7.36 -17.61 -4.78
C PRO A 4 -6.49 -18.61 -4.05
N VAL A 5 -6.21 -19.76 -4.68
CA VAL A 5 -5.27 -20.72 -4.09
C VAL A 5 -4.00 -20.73 -4.96
N ALA A 6 -2.85 -20.41 -4.35
CA ALA A 6 -1.61 -20.32 -5.13
C ALA A 6 -0.38 -20.48 -4.25
N ASP A 7 0.67 -20.98 -4.87
CA ASP A 7 2.02 -20.95 -4.30
C ASP A 7 2.71 -19.66 -4.73
N LEU A 8 3.47 -19.09 -3.83
CA LEU A 8 4.21 -17.82 -4.14
C LEU A 8 5.64 -18.14 -3.72
N THR A 9 6.49 -18.42 -4.70
CA THR A 9 7.83 -18.81 -4.36
C THR A 9 8.79 -17.60 -4.39
N LEU A 10 9.50 -17.37 -3.30
CA LEU A 10 10.39 -16.18 -3.14
C LEU A 10 11.79 -16.62 -3.48
N THR A 11 12.38 -16.01 -4.50
CA THR A 11 13.80 -16.25 -4.83
C THR A 11 14.57 -14.95 -5.05
N ASN A 12 15.89 -15.04 -5.14
CA ASN A 12 16.68 -13.93 -5.61
C ASN A 12 17.05 -14.16 -7.04
N ALA A 13 17.09 -13.10 -7.83
CA ALA A 13 17.34 -13.22 -9.25
C ALA A 13 17.82 -11.90 -9.78
N GLN A 14 18.45 -11.92 -10.95
CA GLN A 14 18.85 -10.69 -11.65
C GLN A 14 17.67 -10.21 -12.54
N VAL A 15 17.38 -8.91 -12.48
CA VAL A 15 16.27 -8.38 -13.28
C VAL A 15 16.82 -7.10 -13.97
N SER A 16 16.19 -6.63 -15.03
CA SER A 16 16.60 -5.35 -15.59
C SER A 16 15.37 -4.59 -16.13
N PRO A 17 14.52 -4.12 -15.24
CA PRO A 17 13.23 -3.57 -15.71
C PRO A 17 13.37 -2.22 -16.39
N ASP A 18 14.48 -1.53 -16.13
CA ASP A 18 14.75 -0.21 -16.73
C ASP A 18 16.05 -0.23 -17.55
N GLY A 19 16.50 -1.43 -17.89
CA GLY A 19 17.68 -1.58 -18.73
C GLY A 19 18.93 -1.88 -17.91
N PHE A 20 18.86 -1.68 -16.61
CA PHE A 20 20.02 -1.82 -15.72
C PHE A 20 19.86 -3.14 -14.94
N ALA A 21 20.84 -4.07 -15.06
CA ALA A 21 20.70 -5.37 -14.41
C ALA A 21 21.11 -5.28 -12.97
N ARG A 22 20.28 -5.78 -12.08
CA ARG A 22 20.68 -5.87 -10.66
C ARG A 22 20.03 -7.11 -9.99
N GLU A 23 20.59 -7.50 -8.85
CA GLU A 23 20.00 -8.62 -8.14
C GLU A 23 18.81 -8.09 -7.34
N ALA A 24 17.71 -8.85 -7.30
CA ALA A 24 16.46 -8.44 -6.65
C ALA A 24 15.78 -9.59 -5.93
N VAL A 25 14.67 -9.31 -5.22
CA VAL A 25 13.81 -10.35 -4.68
C VAL A 25 12.63 -10.48 -5.64
N VAL A 26 12.35 -11.68 -6.12
CA VAL A 26 11.29 -11.87 -7.08
C VAL A 26 10.33 -12.94 -6.56
N VAL A 27 9.10 -12.92 -7.07
CA VAL A 27 8.08 -13.88 -6.65
C VAL A 27 7.57 -14.61 -7.88
N ASN A 28 7.62 -15.95 -7.86
CA ASN A 28 7.37 -16.72 -9.08
C ASN A 28 8.16 -16.15 -10.22
N GLY A 29 9.40 -15.77 -9.95
CA GLY A 29 10.34 -15.40 -11.05
C GLY A 29 10.16 -13.97 -11.60
N ILE A 30 9.35 -13.15 -10.95
CA ILE A 30 9.10 -11.77 -11.48
C ILE A 30 9.02 -10.72 -10.40
N THR A 31 9.34 -9.48 -10.79
CA THR A 31 9.00 -8.30 -9.97
C THR A 31 8.61 -7.19 -10.95
N PRO A 32 7.54 -6.48 -10.66
CA PRO A 32 6.58 -6.76 -9.58
C PRO A 32 6.06 -8.21 -9.60
N ALA A 33 5.68 -8.66 -8.41
CA ALA A 33 5.15 -10.00 -8.18
C ALA A 33 3.80 -10.20 -8.95
N PRO A 34 3.47 -11.46 -9.24
CA PRO A 34 2.29 -11.77 -10.04
C PRO A 34 1.01 -11.21 -9.46
N LEU A 35 0.15 -10.76 -10.33
CA LEU A 35 -1.25 -10.42 -9.93
C LEU A 35 -1.96 -11.60 -9.31
N ILE A 36 -2.38 -11.43 -8.06
CA ILE A 36 -3.28 -12.41 -7.44
C ILE A 36 -4.73 -11.92 -7.65
N THR A 37 -5.65 -12.82 -8.03
CA THR A 37 -7.08 -12.43 -8.11
C THR A 37 -8.00 -13.44 -7.38
N GLY A 38 -9.14 -12.96 -6.93
CA GLY A 38 -10.30 -13.83 -6.70
C GLY A 38 -11.56 -13.00 -6.69
N ASN A 39 -12.64 -13.55 -6.14
CA ASN A 39 -13.90 -12.79 -6.09
C ASN A 39 -14.29 -12.60 -4.66
N LYS A 40 -15.11 -11.60 -4.45
CA LYS A 40 -15.65 -11.29 -3.14
C LYS A 40 -16.18 -12.61 -2.54
N GLY A 41 -15.77 -12.89 -1.32
CA GLY A 41 -16.29 -14.05 -0.63
C GLY A 41 -15.30 -15.18 -0.66
N ASP A 42 -14.26 -15.04 -1.48
CA ASP A 42 -13.35 -16.15 -1.70
C ASP A 42 -12.50 -16.37 -0.48
N ARG A 43 -12.04 -17.60 -0.34
CA ARG A 43 -11.05 -17.92 0.66
C ARG A 43 -9.73 -17.99 -0.09
N PHE A 44 -8.79 -17.13 0.31
CA PHE A 44 -7.45 -17.13 -0.27
C PHE A 44 -6.49 -18.00 0.53
N GLN A 45 -5.69 -18.83 -0.16
CA GLN A 45 -4.76 -19.72 0.54
C GLN A 45 -3.46 -19.57 -0.22
N LEU A 46 -2.61 -18.70 0.30
CA LEU A 46 -1.42 -18.30 -0.43
C LEU A 46 -0.25 -18.90 0.31
N ASN A 47 0.39 -19.86 -0.33
CA ASN A 47 1.45 -20.62 0.33
C ASN A 47 2.77 -20.00 -0.05
N VAL A 48 3.38 -19.33 0.93
CA VAL A 48 4.61 -18.59 0.69
C VAL A 48 5.80 -19.50 0.91
N ILE A 49 6.51 -19.77 -0.18
CA ILE A 49 7.61 -20.72 -0.17
C ILE A 49 8.94 -19.97 -0.23
N ASP A 50 9.65 -19.88 0.88
CA ASP A 50 10.82 -19.01 0.91
C ASP A 50 12.06 -19.73 0.43
N GLN A 51 12.49 -19.43 -0.80
CA GLN A 51 13.75 -19.97 -1.31
C GLN A 51 14.81 -18.87 -1.53
N LEU A 52 14.79 -17.83 -0.68
CA LEU A 52 15.72 -16.72 -0.80
C LEU A 52 17.11 -17.14 -0.32
N THR A 53 18.11 -16.69 -1.06
CA THR A 53 19.49 -17.11 -0.81
C THR A 53 20.39 -15.93 -0.44
N ASN A 54 19.87 -14.69 -0.55
CA ASN A 54 20.77 -13.51 -0.45
C ASN A 54 20.52 -12.73 0.81
N HIS A 55 21.44 -12.82 1.76
CA HIS A 55 21.24 -12.18 3.07
C HIS A 55 21.21 -10.64 3.03
N THR A 56 21.88 -10.05 2.06
CA THR A 56 21.88 -8.60 1.95
C THR A 56 20.44 -8.11 1.69
N MET A 57 19.64 -8.92 0.98
CA MET A 57 18.24 -8.52 0.73
C MET A 57 17.25 -9.26 1.66
N LEU A 58 17.84 -9.91 2.67
CA LEU A 58 17.16 -10.67 3.70
C LEU A 58 16.66 -12.00 3.20
N LYS A 59 17.16 -13.11 3.78
CA LYS A 59 16.61 -14.45 3.44
C LYS A 59 15.29 -14.79 4.13
N THR A 60 14.98 -14.09 5.22
CA THR A 60 13.69 -14.25 5.86
C THR A 60 12.72 -13.30 5.24
N SER A 61 11.43 -13.51 5.47
CA SER A 61 10.40 -12.72 4.80
C SER A 61 9.09 -12.85 5.54
N SER A 62 8.23 -11.84 5.35
CA SER A 62 6.91 -11.92 5.83
C SER A 62 6.01 -11.09 4.86
N ILE A 63 4.83 -11.58 4.49
CA ILE A 63 4.00 -10.89 3.48
C ILE A 63 2.75 -10.32 4.11
N HIS A 64 2.49 -9.06 3.77
CA HIS A 64 1.24 -8.42 4.11
C HIS A 64 0.34 -8.25 2.87
N TRP A 65 -0.97 -8.43 3.10
CA TRP A 65 -1.98 -8.39 2.07
C TRP A 65 -2.71 -7.04 2.26
N HIS A 66 -2.13 -6.03 1.60
CA HIS A 66 -2.51 -4.65 1.91
C HIS A 66 -3.96 -4.34 1.59
N GLY A 67 -4.69 -3.91 2.61
CA GLY A 67 -6.06 -3.42 2.43
C GLY A 67 -7.07 -4.41 3.05
N PHE A 68 -6.65 -5.64 3.29
CA PHE A 68 -7.62 -6.67 3.73
C PHE A 68 -7.72 -6.56 5.22
N PHE A 69 -8.93 -6.69 5.75
CA PHE A 69 -9.13 -6.50 7.21
C PHE A 69 -8.65 -7.65 8.10
N GLN A 70 -8.57 -8.88 7.56
CA GLN A 70 -8.00 -10.01 8.32
C GLN A 70 -8.80 -10.31 9.61
N GLN A 71 -10.09 -10.07 9.54
CA GLN A 71 -10.87 -10.18 10.77
C GLN A 71 -10.90 -11.66 11.16
N GLY A 72 -10.42 -11.95 12.37
CA GLY A 72 -10.32 -13.35 12.84
C GLY A 72 -9.10 -14.06 12.33
N THR A 73 -8.29 -13.40 11.44
CA THR A 73 -7.01 -13.97 11.03
C THR A 73 -5.89 -12.94 11.19
N ASN A 74 -5.80 -12.33 12.37
CA ASN A 74 -4.75 -11.32 12.63
C ASN A 74 -3.35 -11.87 12.42
N TRP A 75 -3.16 -13.19 12.67
CA TRP A 75 -1.88 -13.87 12.57
C TRP A 75 -1.36 -13.94 11.12
N ALA A 76 -2.25 -13.62 10.20
CA ALA A 76 -1.96 -13.68 8.74
C ALA A 76 -1.62 -12.30 8.15
N ASP A 77 -1.65 -11.25 8.97
CA ASP A 77 -1.63 -9.87 8.41
C ASP A 77 -0.26 -9.52 7.83
N GLY A 78 0.79 -10.02 8.45
CA GLY A 78 2.13 -9.97 7.87
C GLY A 78 3.25 -9.19 8.58
N PRO A 79 2.92 -8.06 9.21
CA PRO A 79 4.02 -7.23 9.78
C PRO A 79 4.92 -8.00 10.73
N ALA A 80 6.22 -8.04 10.41
CA ALA A 80 7.23 -8.82 11.15
C ALA A 80 7.27 -8.26 12.59
N PHE A 81 7.25 -9.17 13.58
CA PHE A 81 7.26 -8.83 15.00
C PHE A 81 6.08 -8.06 15.53
N VAL A 82 5.02 -7.89 14.72
CA VAL A 82 3.74 -7.44 15.22
C VAL A 82 2.74 -8.62 15.12
N ASN A 83 2.66 -9.22 13.93
CA ASN A 83 1.69 -10.30 13.69
C ASN A 83 2.29 -11.68 13.54
N GLN A 84 3.60 -11.74 13.29
CA GLN A 84 4.35 -13.03 13.15
C GLN A 84 5.85 -12.82 13.28
N CYS A 85 6.60 -13.91 13.50
CA CYS A 85 8.00 -13.94 13.15
C CYS A 85 8.12 -14.21 11.67
N PRO A 86 9.23 -13.72 11.09
CA PRO A 86 9.49 -13.99 9.69
C PRO A 86 9.59 -15.48 9.38
N ILE A 87 9.19 -15.83 8.17
CA ILE A 87 9.45 -17.13 7.57
C ILE A 87 10.95 -17.28 7.29
N ALA A 88 11.48 -18.50 7.44
CA ALA A 88 12.87 -18.77 7.13
C ALA A 88 13.06 -19.35 5.76
N SER A 89 14.25 -19.12 5.19
CA SER A 89 14.62 -19.68 3.92
C SER A 89 14.72 -21.20 4.01
N GLY A 90 14.08 -21.88 3.06
CA GLY A 90 13.90 -23.35 3.10
C GLY A 90 12.63 -23.80 3.79
N HIS A 91 11.80 -22.85 4.21
CA HIS A 91 10.49 -23.14 4.76
C HIS A 91 9.41 -22.45 3.99
N SER A 92 8.17 -22.93 4.16
CA SER A 92 6.95 -22.37 3.58
C SER A 92 6.02 -21.97 4.70
N PHE A 93 5.06 -21.11 4.39
CA PHE A 93 4.05 -20.71 5.35
C PHE A 93 2.79 -20.33 4.65
N LEU A 94 1.66 -20.97 5.03
CA LEU A 94 0.38 -20.73 4.39
C LEU A 94 -0.43 -19.59 5.01
N TYR A 95 -0.64 -18.52 4.23
CA TYR A 95 -1.63 -17.51 4.60
C TYR A 95 -2.99 -17.94 4.10
N ASP A 96 -3.96 -17.94 5.01
CA ASP A 96 -5.27 -18.50 4.72
C ASP A 96 -6.29 -17.55 5.34
N PHE A 97 -7.03 -16.84 4.48
CA PHE A 97 -7.89 -15.80 5.03
C PHE A 97 -9.07 -15.68 4.12
N GLN A 98 -10.14 -15.11 4.63
CA GLN A 98 -11.33 -14.94 3.82
C GLN A 98 -11.64 -13.47 3.63
N VAL A 99 -12.32 -13.17 2.53
CA VAL A 99 -12.69 -11.82 2.21
C VAL A 99 -14.18 -11.72 1.96
N PRO A 100 -14.97 -11.82 3.04
CA PRO A 100 -16.44 -11.90 2.92
C PRO A 100 -17.07 -10.58 2.45
N ASP A 101 -16.45 -9.47 2.83
CA ASP A 101 -17.14 -8.18 2.85
C ASP A 101 -16.29 -7.09 2.17
N GLN A 102 -15.33 -7.49 1.33
CA GLN A 102 -14.54 -6.47 0.63
C GLN A 102 -14.38 -6.91 -0.83
N ALA A 103 -14.09 -5.93 -1.70
CA ALA A 103 -13.84 -6.21 -3.10
C ALA A 103 -13.25 -4.93 -3.62
N GLY A 104 -12.29 -5.03 -4.54
CA GLY A 104 -11.63 -3.77 -4.96
C GLY A 104 -10.20 -4.07 -5.36
N THR A 105 -9.32 -3.06 -5.24
CA THR A 105 -7.94 -3.18 -5.72
C THR A 105 -7.04 -3.12 -4.49
N PHE A 106 -6.16 -4.12 -4.37
CA PHE A 106 -5.31 -4.27 -3.22
C PHE A 106 -3.89 -4.50 -3.75
N TRP A 107 -3.00 -4.86 -2.86
CA TRP A 107 -1.66 -5.29 -3.28
C TRP A 107 -1.04 -6.08 -2.18
N TYR A 108 0.11 -6.69 -2.44
CA TYR A 108 0.77 -7.44 -1.33
C TYR A 108 2.27 -7.18 -1.43
N HIS A 109 2.96 -7.26 -0.31
CA HIS A 109 4.37 -6.88 -0.27
C HIS A 109 5.00 -7.49 0.95
N SER A 110 6.32 -7.61 0.93
CA SER A 110 7.03 -7.91 2.17
C SER A 110 6.72 -6.87 3.23
N HIS A 111 6.51 -7.33 4.46
CA HIS A 111 6.41 -6.43 5.58
C HIS A 111 7.53 -6.72 6.57
N LEU A 112 8.72 -7.01 6.05
CA LEU A 112 9.90 -7.13 6.87
C LEU A 112 10.89 -6.06 6.43
N SER A 113 11.25 -5.15 7.35
CA SER A 113 12.30 -4.12 7.05
C SER A 113 11.99 -3.44 5.71
N THR A 114 13.00 -3.25 4.85
CA THR A 114 12.76 -2.60 3.54
C THR A 114 12.73 -3.59 2.36
N GLN A 115 12.41 -4.83 2.65
CA GLN A 115 12.55 -5.83 1.63
C GLN A 115 11.60 -5.63 0.44
N TYR A 116 10.43 -5.04 0.64
CA TYR A 116 9.55 -4.86 -0.53
C TYR A 116 10.18 -3.94 -1.55
N CYS A 117 11.03 -3.02 -1.09
CA CYS A 117 11.73 -2.18 -2.05
CA CYS A 117 11.77 -2.17 -2.05
C CYS A 117 12.68 -2.92 -2.99
N ASP A 118 13.27 -4.02 -2.50
CA ASP A 118 14.08 -4.87 -3.36
C ASP A 118 13.30 -5.81 -4.28
N GLY A 119 11.96 -5.74 -4.25
CA GLY A 119 11.17 -6.30 -5.35
C GLY A 119 9.95 -7.12 -4.88
N LEU A 120 9.79 -7.37 -3.59
CA LEU A 120 8.70 -8.27 -3.15
C LEU A 120 7.40 -7.43 -2.96
N ARG A 121 6.74 -7.17 -4.08
CA ARG A 121 5.51 -6.34 -4.08
C ARG A 121 4.80 -6.60 -5.40
N GLY A 122 3.46 -6.77 -5.36
CA GLY A 122 2.69 -6.85 -6.58
C GLY A 122 1.20 -6.61 -6.28
N PRO A 123 0.36 -6.60 -7.33
CA PRO A 123 -1.01 -6.19 -7.19
C PRO A 123 -1.90 -7.40 -6.83
N PHE A 124 -3.07 -7.09 -6.31
CA PHE A 124 -4.01 -8.14 -5.80
C PHE A 124 -5.41 -7.56 -6.06
N VAL A 125 -6.28 -8.26 -6.83
CA VAL A 125 -7.60 -7.70 -7.15
C VAL A 125 -8.68 -8.71 -6.74
N VAL A 126 -9.70 -8.22 -6.06
CA VAL A 126 -10.88 -9.02 -5.72
C VAL A 126 -12.08 -8.47 -6.48
N TYR A 127 -12.54 -9.21 -7.49
CA TYR A 127 -13.64 -8.74 -8.31
C TYR A 127 -14.97 -8.91 -7.57
N ASP A 128 -15.92 -8.02 -7.86
CA ASP A 128 -17.28 -8.12 -7.29
C ASP A 128 -18.24 -8.55 -8.41
N PRO A 129 -18.72 -9.81 -8.38
CA PRO A 129 -19.67 -10.18 -9.47
C PRO A 129 -20.91 -9.28 -9.53
N ASN A 130 -21.20 -8.57 -8.43
CA ASN A 130 -22.32 -7.63 -8.38
C ASN A 130 -21.84 -6.19 -8.26
N ASP A 131 -20.71 -5.88 -8.91
CA ASP A 131 -20.10 -4.58 -8.69
C ASP A 131 -21.12 -3.49 -9.01
N PRO A 132 -21.37 -2.58 -8.06
CA PRO A 132 -22.34 -1.51 -8.37
C PRO A 132 -21.90 -0.56 -9.49
N HIS A 133 -20.60 -0.56 -9.82
CA HIS A 133 -20.10 0.24 -10.94
C HIS A 133 -19.94 -0.50 -12.25
N ALA A 134 -20.46 -1.73 -12.32
CA ALA A 134 -20.22 -2.59 -13.49
C ALA A 134 -20.69 -1.94 -14.78
N SER A 135 -21.78 -1.19 -14.75
CA SER A 135 -22.32 -0.72 -16.01
C SER A 135 -21.49 0.46 -16.53
N LEU A 136 -20.51 0.93 -15.75
CA LEU A 136 -19.72 2.08 -16.21
C LEU A 136 -18.59 1.70 -17.19
N TYR A 137 -18.35 0.42 -17.35
CA TYR A 137 -17.19 0.01 -18.18
C TYR A 137 -17.45 -1.32 -18.85
N ASP A 138 -16.66 -1.60 -19.89
CA ASP A 138 -16.78 -2.81 -20.64
C ASP A 138 -15.76 -3.82 -20.17
N ILE A 139 -14.54 -3.35 -19.90
CA ILE A 139 -13.39 -4.30 -19.85
C ILE A 139 -12.63 -4.10 -18.53
N ASP A 140 -12.45 -5.18 -17.80
CA ASP A 140 -11.74 -5.09 -16.51
C ASP A 140 -11.06 -6.43 -16.29
N ASN A 141 -9.73 -6.49 -16.41
CA ASN A 141 -9.03 -7.77 -16.42
C ASN A 141 -7.54 -7.60 -16.11
N ASP A 142 -6.73 -8.65 -16.32
CA ASP A 142 -5.30 -8.54 -15.90
C ASP A 142 -4.69 -7.33 -16.60
N ASP A 143 -5.13 -7.08 -17.84
CA ASP A 143 -4.53 -6.04 -18.67
C ASP A 143 -4.99 -4.62 -18.31
N THR A 144 -5.91 -4.51 -17.34
CA THR A 144 -6.29 -3.14 -16.93
C THR A 144 -5.77 -2.81 -15.51
N VAL A 145 -4.89 -3.65 -14.94
CA VAL A 145 -4.17 -3.25 -13.74
C VAL A 145 -2.96 -2.44 -14.20
N ILE A 146 -2.75 -1.31 -13.55
CA ILE A 146 -1.58 -0.47 -13.76
C ILE A 146 -0.84 -0.30 -12.44
N THR A 147 0.41 -0.79 -12.37
CA THR A 147 1.11 -0.62 -11.10
C THR A 147 2.17 0.48 -11.30
N LEU A 148 2.47 1.19 -10.24
CA LEU A 148 3.59 2.18 -10.24
C LEU A 148 4.60 1.67 -9.21
N ALA A 149 5.90 1.70 -9.54
CA ALA A 149 6.90 1.27 -8.56
C ALA A 149 8.16 2.14 -8.73
N ASP A 150 8.71 2.63 -7.63
CA ASP A 150 10.00 3.36 -7.66
C ASP A 150 11.09 2.24 -7.72
N TRP A 151 12.10 2.40 -8.56
CA TRP A 151 13.11 1.34 -8.70
C TRP A 151 14.50 1.92 -8.47
N TYR A 152 15.35 1.18 -7.77
CA TYR A 152 16.64 1.70 -7.31
C TYR A 152 17.71 0.77 -7.87
N HIS A 153 18.87 1.32 -8.21
CA HIS A 153 19.91 0.51 -8.82
C HIS A 153 20.82 -0.06 -7.71
N VAL A 154 20.74 0.54 -6.54
CA VAL A 154 21.48 0.06 -5.40
C VAL A 154 20.49 -0.49 -4.37
N ALA A 155 20.78 -1.66 -3.83
CA ALA A 155 19.82 -2.40 -2.98
C ALA A 155 19.49 -1.62 -1.73
N ALA A 156 18.32 -1.88 -1.12
CA ALA A 156 17.84 -1.11 -0.03
C ALA A 156 18.83 -1.01 1.11
N LYS A 157 19.52 -2.10 1.40
CA LYS A 157 20.43 -2.14 2.58
C LYS A 157 21.80 -1.57 2.25
N LEU A 158 22.07 -1.38 0.96
CA LEU A 158 23.40 -0.98 0.53
C LEU A 158 23.43 0.50 0.20
N GLY A 159 22.28 1.13 -0.02
CA GLY A 159 22.27 2.55 -0.39
C GLY A 159 22.08 3.51 0.78
N PRO A 160 21.61 4.73 0.52
CA PRO A 160 21.38 5.69 1.61
C PRO A 160 20.23 5.24 2.52
N ARG A 161 20.34 5.52 3.82
CA ARG A 161 19.24 5.28 4.74
C ARG A 161 17.94 5.93 4.26
N PHE A 162 18.04 7.15 3.76
CA PHE A 162 16.93 7.84 3.11
C PHE A 162 17.23 8.36 1.69
N PRO A 163 16.98 7.54 0.64
CA PRO A 163 17.44 7.88 -0.72
C PRO A 163 16.69 9.12 -1.20
N PHE A 164 17.34 9.88 -2.08
CA PHE A 164 16.66 11.01 -2.67
C PHE A 164 15.96 10.56 -3.97
N GLY A 165 14.85 9.86 -3.80
CA GLY A 165 14.12 9.38 -4.94
C GLY A 165 14.81 8.18 -5.53
N SER A 166 14.19 7.61 -6.57
CA SER A 166 14.63 6.38 -7.14
C SER A 166 15.38 6.67 -8.43
N ASP A 167 15.94 5.63 -9.03
CA ASP A 167 16.55 5.78 -10.33
C ASP A 167 15.58 5.83 -11.47
N SER A 168 14.48 5.06 -11.36
CA SER A 168 13.47 5.08 -12.46
C SER A 168 12.12 4.94 -11.81
N THR A 169 11.08 5.19 -12.59
CA THR A 169 9.72 4.80 -12.18
C THR A 169 9.25 3.72 -13.16
N LEU A 170 8.75 2.59 -12.65
CA LEU A 170 8.32 1.50 -13.52
C LEU A 170 6.81 1.57 -13.54
N ILE A 171 6.25 1.50 -14.73
CA ILE A 171 4.80 1.38 -14.87
C ILE A 171 4.59 -0.01 -15.45
N ASN A 172 3.80 -0.84 -14.77
CA ASN A 172 3.67 -2.26 -15.19
C ASN A 172 5.04 -2.91 -15.40
N GLY A 173 5.93 -2.55 -14.50
CA GLY A 173 7.21 -3.20 -14.28
C GLY A 173 8.27 -2.75 -15.28
N LEU A 174 7.97 -1.77 -16.14
CA LEU A 174 8.96 -1.24 -17.15
C LEU A 174 9.08 0.27 -17.04
N GLY A 175 10.27 0.81 -17.31
CA GLY A 175 10.38 2.28 -17.30
C GLY A 175 11.83 2.64 -17.59
N ARG A 176 12.07 3.89 -17.94
CA ARG A 176 13.43 4.24 -18.42
C ARG A 176 14.18 4.95 -17.33
N THR A 177 15.50 4.96 -17.51
CA THR A 177 16.33 5.62 -16.56
C THR A 177 16.94 6.82 -17.27
N THR A 178 17.64 7.69 -16.54
CA THR A 178 18.48 8.65 -17.23
C THR A 178 19.80 7.95 -17.55
N GLY A 179 20.01 7.73 -18.84
CA GLY A 179 21.11 6.93 -19.32
C GLY A 179 20.96 7.01 -20.82
N ILE A 180 21.98 6.60 -21.56
CA ILE A 180 22.04 6.87 -23.00
C ILE A 180 21.11 5.99 -23.84
N ALA A 181 21.02 4.70 -23.49
CA ALA A 181 20.18 3.74 -24.22
C ALA A 181 18.79 3.59 -23.57
N PRO A 182 17.75 4.18 -24.18
CA PRO A 182 16.37 3.95 -23.72
C PRO A 182 16.00 2.46 -23.68
N SER A 183 15.48 1.97 -22.56
CA SER A 183 14.90 0.65 -22.50
C SER A 183 13.42 0.67 -22.90
N ASP A 184 12.79 -0.51 -22.88
CA ASP A 184 11.45 -0.64 -23.48
C ASP A 184 10.45 0.04 -22.53
N LEU A 185 9.43 0.67 -23.11
CA LEU A 185 8.35 1.25 -22.29
C LEU A 185 7.24 0.21 -22.20
N ALA A 186 6.44 0.27 -21.12
CA ALA A 186 5.25 -0.57 -21.04
C ALA A 186 4.22 0.00 -22.00
N VAL A 187 3.42 -0.92 -22.51
CA VAL A 187 2.35 -0.53 -23.45
C VAL A 187 1.02 -1.09 -22.93
N ILE A 188 0.03 -0.21 -22.81
CA ILE A 188 -1.27 -0.63 -22.36
C ILE A 188 -2.21 -0.44 -23.53
N LYS A 189 -2.81 -1.55 -23.99
CA LYS A 189 -3.54 -1.57 -25.27
C LYS A 189 -5.03 -1.31 -24.96
N VAL A 190 -5.66 -0.50 -25.79
CA VAL A 190 -7.12 -0.30 -25.73
C VAL A 190 -7.64 -0.27 -27.17
N THR A 191 -8.92 -0.53 -27.30
CA THR A 191 -9.62 -0.48 -28.58
C THR A 191 -10.56 0.74 -28.57
N GLN A 192 -10.53 1.51 -29.64
CA GLN A 192 -11.34 2.73 -29.60
C GLN A 192 -12.81 2.33 -29.42
N GLY A 193 -13.50 3.12 -28.58
CA GLY A 193 -14.95 2.93 -28.37
C GLY A 193 -15.27 2.14 -27.12
N LYS A 194 -14.28 1.47 -26.53
CA LYS A 194 -14.53 0.68 -25.33
C LYS A 194 -14.20 1.51 -24.11
N ARG A 195 -14.79 1.11 -22.97
CA ARG A 195 -14.50 1.74 -21.70
CA ARG A 195 -14.53 1.74 -21.70
C ARG A 195 -13.84 0.72 -20.78
N TYR A 196 -12.80 1.18 -20.08
CA TYR A 196 -11.93 0.32 -19.29
C TYR A 196 -12.03 0.70 -17.83
N ARG A 197 -12.03 -0.31 -16.97
CA ARG A 197 -11.79 0.00 -15.58
C ARG A 197 -10.28 -0.19 -15.34
N PHE A 198 -9.50 0.89 -15.28
CA PHE A 198 -8.07 0.75 -14.91
C PHE A 198 -7.92 0.77 -13.38
N ARG A 199 -7.09 -0.14 -12.86
CA ARG A 199 -6.98 -0.29 -11.43
C ARG A 199 -5.53 0.12 -11.12
N LEU A 200 -5.39 1.36 -10.66
CA LEU A 200 -4.07 1.98 -10.46
C LEU A 200 -3.61 1.67 -9.06
N VAL A 201 -2.40 1.10 -8.94
CA VAL A 201 -1.92 0.65 -7.59
C VAL A 201 -0.49 1.21 -7.40
N SER A 202 -0.29 1.95 -6.33
CA SER A 202 1.07 2.44 -6.03
C SER A 202 1.81 1.40 -5.21
N LEU A 203 2.79 0.76 -5.83
CA LEU A 203 3.68 -0.13 -5.05
C LEU A 203 4.93 0.64 -4.55
N SER A 204 4.81 1.94 -4.46
CA SER A 204 6.01 2.77 -4.13
C SER A 204 6.60 2.49 -2.74
N CYS A 205 7.95 2.45 -2.68
CA CYS A 205 8.64 2.44 -1.37
CA CYS A 205 8.61 2.44 -1.37
C CYS A 205 8.71 3.82 -0.72
N ASP A 206 8.51 4.89 -1.51
CA ASP A 206 8.83 6.20 -0.93
C ASP A 206 8.12 7.35 -1.68
N PRO A 207 8.55 7.71 -2.87
CA PRO A 207 7.89 8.90 -3.42
C PRO A 207 6.43 8.68 -3.82
N ASN A 208 5.62 9.76 -3.73
CA ASN A 208 4.33 9.79 -4.41
C ASN A 208 4.49 10.16 -5.89
N HIS A 209 3.44 9.94 -6.66
CA HIS A 209 3.53 10.15 -8.11
C HIS A 209 2.29 10.93 -8.55
N THR A 210 2.49 11.73 -9.57
CA THR A 210 1.39 12.43 -10.23
C THR A 210 1.11 11.82 -11.57
N PHE A 211 -0.06 11.16 -11.67
CA PHE A 211 -0.39 10.25 -12.74
C PHE A 211 -1.41 10.92 -13.66
N SER A 212 -1.15 10.90 -14.94
CA SER A 212 -2.10 11.45 -15.91
C SER A 212 -1.95 10.71 -17.23
N ILE A 213 -2.92 10.85 -18.13
CA ILE A 213 -2.80 10.25 -19.40
C ILE A 213 -3.13 11.34 -20.42
N ASP A 214 -2.21 11.59 -21.34
CA ASP A 214 -2.42 12.70 -22.28
C ASP A 214 -3.75 12.54 -23.03
N ASN A 215 -4.45 13.66 -23.25
CA ASN A 215 -5.72 13.66 -23.97
C ASN A 215 -6.86 12.86 -23.38
N HIS A 216 -6.76 12.40 -22.13
CA HIS A 216 -7.86 11.57 -21.60
C HIS A 216 -8.14 12.03 -20.18
N THR A 217 -9.41 11.92 -19.77
CA THR A 217 -9.77 12.09 -18.38
C THR A 217 -10.08 10.75 -17.73
N MET A 218 -10.22 10.77 -16.41
CA MET A 218 -10.26 9.53 -15.62
C MET A 218 -11.39 9.68 -14.65
N THR A 219 -12.34 8.75 -14.64
CA THR A 219 -13.43 8.88 -13.68
C THR A 219 -13.16 7.89 -12.55
N ILE A 220 -12.82 8.44 -11.39
CA ILE A 220 -12.52 7.63 -10.20
C ILE A 220 -13.78 6.98 -9.65
N ILE A 221 -13.73 5.67 -9.39
CA ILE A 221 -14.91 4.93 -8.94
C ILE A 221 -14.57 4.13 -7.68
N GLU A 222 -13.30 4.15 -7.29
CA GLU A 222 -12.82 3.37 -6.12
C GLU A 222 -11.56 4.06 -5.56
N ALA A 223 -11.45 4.15 -4.25
CA ALA A 223 -10.23 4.63 -3.61
C ALA A 223 -9.88 3.66 -2.50
N ASP A 224 -8.66 3.13 -2.52
CA ASP A 224 -8.23 2.16 -1.51
C ASP A 224 -9.31 1.08 -1.23
N SER A 225 -9.89 0.53 -2.27
CA SER A 225 -10.84 -0.61 -2.08
C SER A 225 -12.22 -0.18 -1.59
N ILE A 226 -12.46 1.11 -1.55
CA ILE A 226 -13.82 1.61 -1.17
C ILE A 226 -14.50 2.21 -2.38
N ASN A 227 -15.68 1.73 -2.71
CA ASN A 227 -16.38 2.34 -3.86
C ASN A 227 -16.66 3.84 -3.60
N THR A 228 -16.48 4.66 -4.63
CA THR A 228 -16.76 6.09 -4.54
C THR A 228 -17.90 6.47 -5.47
N GLN A 229 -18.56 7.59 -5.21
CA GLN A 229 -19.25 8.28 -6.28
C GLN A 229 -18.29 8.58 -7.41
N PRO A 230 -18.76 8.45 -8.63
CA PRO A 230 -17.86 8.75 -9.74
C PRO A 230 -17.33 10.18 -9.66
N LEU A 231 -16.04 10.36 -9.85
CA LEU A 231 -15.42 11.70 -9.80
C LEU A 231 -14.48 11.87 -10.97
N GLU A 232 -14.85 12.72 -11.94
CA GLU A 232 -14.02 12.86 -13.12
C GLU A 232 -12.83 13.77 -12.84
N VAL A 233 -11.60 13.29 -13.06
CA VAL A 233 -10.40 14.11 -12.84
C VAL A 233 -9.48 14.02 -14.04
N ASP A 234 -8.44 14.87 -14.12
CA ASP A 234 -7.51 14.77 -15.26
C ASP A 234 -6.07 14.62 -14.81
N SER A 235 -5.92 14.36 -13.52
CA SER A 235 -4.64 14.14 -12.89
C SER A 235 -4.87 13.58 -11.51
N ILE A 236 -3.99 12.66 -11.07
CA ILE A 236 -4.17 12.02 -9.78
C ILE A 236 -2.82 11.94 -9.07
N GLN A 237 -2.67 12.64 -7.96
CA GLN A 237 -1.52 12.46 -7.09
C GLN A 237 -1.86 11.26 -6.22
N ILE A 238 -1.03 10.21 -6.35
CA ILE A 238 -1.25 8.98 -5.63
C ILE A 238 -0.04 8.70 -4.75
N PHE A 239 -0.29 8.47 -3.47
CA PHE A 239 0.78 8.29 -2.55
C PHE A 239 1.10 6.80 -2.37
N ALA A 240 2.27 6.54 -1.81
CA ALA A 240 2.68 5.13 -1.66
C ALA A 240 1.55 4.32 -1.06
N ALA A 241 1.29 3.16 -1.68
CA ALA A 241 0.32 2.16 -1.14
C ALA A 241 -1.14 2.45 -1.37
N GLN A 242 -1.46 3.62 -1.94
CA GLN A 242 -2.87 3.91 -2.33
C GLN A 242 -3.30 3.18 -3.59
N ARG A 243 -4.60 3.02 -3.76
CA ARG A 243 -5.18 2.51 -5.01
C ARG A 243 -6.32 3.43 -5.47
N TYR A 244 -6.50 3.53 -6.77
CA TYR A 244 -7.76 4.05 -7.35
C TYR A 244 -8.15 3.18 -8.52
N SER A 245 -9.46 2.92 -8.71
CA SER A 245 -9.91 2.54 -10.04
C SER A 245 -10.45 3.76 -10.69
N PHE A 246 -10.19 3.89 -11.98
CA PHE A 246 -10.82 4.99 -12.77
C PHE A 246 -11.27 4.40 -14.07
N VAL A 247 -12.39 4.90 -14.61
CA VAL A 247 -12.85 4.44 -15.91
C VAL A 247 -12.23 5.37 -16.94
N LEU A 248 -11.67 4.79 -17.99
CA LEU A 248 -11.12 5.54 -19.13
C LEU A 248 -11.99 5.16 -20.30
N ASP A 249 -12.51 6.17 -21.00
CA ASP A 249 -13.34 5.92 -22.20
C ASP A 249 -12.40 6.15 -23.39
N ALA A 250 -12.09 5.09 -24.12
CA ALA A 250 -11.09 5.21 -25.18
C ALA A 250 -11.77 5.83 -26.40
N SER A 251 -12.05 7.11 -26.31
CA SER A 251 -12.88 7.72 -27.33
C SER A 251 -12.05 8.77 -28.09
N GLN A 252 -10.73 8.75 -27.95
CA GLN A 252 -9.90 9.64 -28.73
C GLN A 252 -9.49 8.96 -30.07
N PRO A 253 -8.92 9.73 -30.99
CA PRO A 253 -8.48 9.16 -32.27
C PRO A 253 -7.38 8.07 -32.04
N VAL A 254 -7.52 6.96 -32.76
CA VAL A 254 -6.52 5.85 -32.67
C VAL A 254 -5.12 6.49 -32.77
N ASP A 255 -4.34 6.39 -31.69
CA ASP A 255 -3.00 6.94 -31.67
C ASP A 255 -2.28 6.32 -30.48
N ASN A 256 -1.04 6.77 -30.26
CA ASN A 256 -0.29 6.53 -29.03
C ASN A 256 -0.37 7.76 -28.14
N TYR A 257 -0.67 7.58 -26.85
CA TYR A 257 -0.73 8.67 -25.93
C TYR A 257 0.19 8.38 -24.75
N TRP A 258 0.90 9.38 -24.26
CA TRP A 258 1.75 9.16 -23.07
C TRP A 258 0.90 8.95 -21.80
N ILE A 259 1.29 7.93 -21.06
CA ILE A 259 0.88 7.75 -19.69
C ILE A 259 2.02 8.24 -18.81
N ARG A 260 1.70 9.10 -17.84
CA ARG A 260 2.75 9.83 -17.12
C ARG A 260 2.62 9.53 -15.66
N ALA A 261 3.73 9.18 -15.00
CA ALA A 261 3.74 9.07 -13.56
C ALA A 261 4.97 9.78 -12.97
N ASN A 262 4.77 11.05 -12.64
CA ASN A 262 5.90 11.97 -12.29
C ASN A 262 6.12 11.86 -10.77
N PRO A 263 7.28 11.30 -10.35
CA PRO A 263 7.51 11.21 -8.90
C PRO A 263 7.64 12.59 -8.27
N ALA A 264 7.39 12.65 -6.98
CA ALA A 264 7.40 13.96 -6.29
C ALA A 264 8.83 14.54 -6.27
N PHE A 265 9.85 13.69 -6.33
CA PHE A 265 11.24 14.16 -6.23
C PHE A 265 12.08 13.05 -6.79
N GLY A 266 13.34 13.37 -7.10
CA GLY A 266 14.24 12.37 -7.67
C GLY A 266 14.48 12.77 -9.11
N ASN A 267 14.34 11.82 -10.04
CA ASN A 267 14.49 12.11 -11.46
C ASN A 267 13.12 12.44 -12.00
N THR A 268 12.77 13.73 -11.95
CA THR A 268 11.42 14.18 -12.29
C THR A 268 11.29 14.55 -13.79
N GLY A 269 10.04 14.76 -14.21
CA GLY A 269 9.77 15.08 -15.60
C GLY A 269 9.81 13.91 -16.54
N PHE A 270 9.95 14.20 -17.83
CA PHE A 270 9.74 13.20 -18.83
C PHE A 270 10.78 13.20 -19.89
N ALA A 271 11.92 13.85 -19.62
CA ALA A 271 12.96 13.83 -20.63
C ALA A 271 13.32 12.40 -21.06
N GLY A 272 13.43 12.17 -22.36
CA GLY A 272 13.89 10.87 -22.85
C GLY A 272 12.84 9.77 -22.61
N GLY A 273 11.66 10.16 -22.14
CA GLY A 273 10.55 9.19 -21.94
C GLY A 273 10.61 8.52 -20.57
N ILE A 274 11.40 9.04 -19.65
CA ILE A 274 11.35 8.56 -18.24
C ILE A 274 9.99 8.83 -17.65
N ASN A 275 9.66 8.07 -16.61
CA ASN A 275 8.41 8.27 -15.85
C ASN A 275 7.19 8.17 -16.72
N SER A 276 7.28 7.35 -17.75
CA SER A 276 6.23 7.25 -18.78
C SER A 276 5.96 5.81 -19.17
N ALA A 277 4.78 5.63 -19.79
CA ALA A 277 4.41 4.41 -20.50
C ALA A 277 3.52 4.85 -21.67
N ILE A 278 2.94 3.91 -22.41
CA ILE A 278 2.31 4.23 -23.67
C ILE A 278 0.88 3.63 -23.65
N LEU A 279 -0.13 4.49 -23.81
CA LEU A 279 -1.48 3.97 -24.06
C LEU A 279 -1.60 3.86 -25.56
N ARG A 280 -1.80 2.64 -26.07
CA ARG A 280 -1.75 2.46 -27.51
C ARG A 280 -3.08 1.97 -27.94
N TYR A 281 -3.78 2.75 -28.78
CA TYR A 281 -4.99 2.22 -29.38
C TYR A 281 -4.71 1.19 -30.44
N ASP A 282 -5.53 0.14 -30.48
CA ASP A 282 -5.28 -0.91 -31.44
C ASP A 282 -5.31 -0.35 -32.87
N GLY A 283 -4.18 -0.44 -33.58
CA GLY A 283 -4.03 0.06 -34.97
C GLY A 283 -3.15 1.28 -35.04
N ALA A 284 -2.75 1.79 -33.88
CA ALA A 284 -1.74 2.83 -33.88
C ALA A 284 -0.36 2.21 -34.18
N PRO A 285 0.51 2.97 -34.87
CA PRO A 285 1.83 2.38 -35.16
C PRO A 285 2.60 2.10 -33.87
N GLU A 286 3.48 1.10 -33.94
CA GLU A 286 4.29 0.73 -32.79
C GLU A 286 5.48 1.64 -32.58
N ILE A 287 5.20 2.87 -32.19
CA ILE A 287 6.22 3.92 -31.94
C ILE A 287 5.90 4.65 -30.64
N GLU A 288 6.78 5.55 -30.18
CA GLU A 288 6.45 6.38 -29.03
C GLU A 288 5.37 7.42 -29.35
N PRO A 289 4.56 7.76 -28.35
CA PRO A 289 3.64 8.89 -28.45
C PRO A 289 4.44 10.15 -28.78
N THR A 290 3.77 11.11 -29.40
CA THR A 290 4.21 12.49 -29.43
C THR A 290 3.11 13.40 -28.85
N SER A 291 2.27 12.83 -28.00
CA SER A 291 1.12 13.56 -27.41
C SER A 291 1.65 14.61 -26.46
N VAL A 292 0.85 15.64 -26.16
CA VAL A 292 1.33 16.64 -25.22
C VAL A 292 0.44 16.78 -24.04
N GLN A 293 1.09 16.98 -22.91
CA GLN A 293 0.46 17.17 -21.66
C GLN A 293 -0.06 18.62 -21.52
N THR A 294 -1.09 18.81 -20.71
CA THR A 294 -1.53 20.15 -20.36
C THR A 294 -1.69 20.29 -18.85
N THR A 295 -1.69 21.52 -18.36
CA THR A 295 -1.89 21.73 -16.94
C THR A 295 -3.24 21.19 -16.53
N PRO A 296 -3.31 20.44 -15.42
CA PRO A 296 -4.62 19.87 -15.09
C PRO A 296 -5.68 20.96 -14.79
N THR A 297 -6.90 20.76 -15.26
CA THR A 297 -7.98 21.65 -14.89
C THR A 297 -8.91 21.00 -13.87
N LYS A 298 -8.82 19.68 -13.71
CA LYS A 298 -9.54 19.04 -12.61
C LYS A 298 -8.72 17.98 -11.84
N PRO A 299 -7.60 18.38 -11.28
CA PRO A 299 -6.79 17.43 -10.52
C PRO A 299 -7.58 16.86 -9.35
N LEU A 300 -7.36 15.58 -8.99
CA LEU A 300 -7.96 14.99 -7.80
C LEU A 300 -7.67 15.82 -6.56
N ASN A 301 -8.72 16.12 -5.79
CA ASN A 301 -8.61 16.54 -4.42
CA ASN A 301 -8.57 16.50 -4.39
C ASN A 301 -9.32 15.51 -3.53
N GLU A 302 -8.66 15.02 -2.49
CA GLU A 302 -9.27 13.98 -1.66
C GLU A 302 -10.64 14.41 -1.04
N VAL A 303 -10.78 15.70 -0.71
CA VAL A 303 -12.05 16.17 -0.17
C VAL A 303 -13.20 16.01 -1.16
N ASP A 304 -12.91 15.85 -2.46
CA ASP A 304 -13.96 15.62 -3.46
C ASP A 304 -14.40 14.16 -3.53
N LEU A 305 -13.65 13.25 -2.90
CA LEU A 305 -14.08 11.84 -2.90
C LEU A 305 -15.15 11.59 -1.83
N HIS A 306 -16.15 10.75 -2.16
CA HIS A 306 -17.22 10.39 -1.21
C HIS A 306 -17.57 8.94 -1.45
N PRO A 307 -17.89 8.18 -0.39
CA PRO A 307 -18.23 6.76 -0.59
C PRO A 307 -19.50 6.65 -1.39
N LEU A 308 -19.57 5.64 -2.26
CA LEU A 308 -20.76 5.39 -3.06
C LEU A 308 -21.93 5.06 -2.14
N SER A 309 -21.64 4.25 -1.14
CA SER A 309 -22.62 3.76 -0.16
C SER A 309 -22.46 4.65 1.04
N PRO A 310 -23.57 5.10 1.66
CA PRO A 310 -23.38 5.92 2.84
C PRO A 310 -22.60 5.16 3.89
N MET A 311 -21.55 5.79 4.40
CA MET A 311 -20.75 5.22 5.46
CA MET A 311 -20.73 5.22 5.48
C MET A 311 -20.66 6.23 6.60
N PRO A 312 -21.51 6.05 7.65
CA PRO A 312 -21.55 6.99 8.78
C PRO A 312 -20.17 7.13 9.42
N VAL A 313 -19.76 8.36 9.73
CA VAL A 313 -18.53 8.60 10.48
C VAL A 313 -18.74 8.20 11.97
N PRO A 314 -17.82 7.40 12.56
CA PRO A 314 -17.96 7.04 13.97
C PRO A 314 -18.05 8.32 14.82
N GLY A 315 -18.71 8.23 15.97
CA GLY A 315 -18.68 9.30 16.98
C GLY A 315 -19.60 10.45 16.64
N SER A 316 -19.29 11.62 17.20
CA SER A 316 -20.19 12.78 17.11
C SER A 316 -19.45 13.91 16.43
N PRO A 317 -20.20 14.87 15.82
CA PRO A 317 -19.64 15.82 14.85
C PRO A 317 -18.81 16.96 15.42
N GLU A 318 -17.88 16.69 16.34
CA GLU A 318 -16.94 17.72 16.82
C GLU A 318 -15.53 17.18 17.07
N PRO A 319 -14.51 18.04 16.92
CA PRO A 319 -13.18 17.62 17.36
C PRO A 319 -13.31 16.89 18.69
N GLY A 320 -12.79 15.67 18.78
CA GLY A 320 -12.76 14.95 20.05
C GLY A 320 -14.06 14.24 20.38
N GLY A 321 -15.02 14.33 19.46
CA GLY A 321 -16.30 13.59 19.53
C GLY A 321 -16.24 12.07 19.43
N VAL A 322 -15.37 11.42 20.21
CA VAL A 322 -15.25 9.99 20.10
C VAL A 322 -14.89 9.38 21.45
N ASP A 323 -14.93 8.07 21.55
CA ASP A 323 -14.53 7.37 22.76
C ASP A 323 -13.04 7.57 23.13
N LYS A 324 -12.15 7.46 22.16
CA LYS A 324 -10.73 7.61 22.42
CA LYS A 324 -10.73 7.61 22.42
C LYS A 324 -10.06 8.51 21.38
N PRO A 325 -9.80 9.78 21.74
CA PRO A 325 -9.06 10.64 20.85
C PRO A 325 -7.56 10.57 21.09
N LEU A 326 -6.79 10.56 19.99
CA LEU A 326 -5.34 10.37 20.09
C LEU A 326 -4.73 11.37 19.16
N ASN A 327 -3.76 12.12 19.65
CA ASN A 327 -3.00 13.02 18.81
C ASN A 327 -1.56 12.52 18.72
N LEU A 328 -1.10 12.25 17.49
CA LEU A 328 0.25 11.74 17.33
C LEU A 328 1.21 12.87 17.03
N VAL A 329 2.21 12.98 17.90
CA VAL A 329 3.33 13.94 17.76
C VAL A 329 4.58 13.32 17.10
N PHE A 330 4.93 13.80 15.90
CA PHE A 330 6.04 13.26 15.12
C PHE A 330 7.33 14.00 15.51
N ASN A 331 8.43 13.27 15.48
CA ASN A 331 9.73 13.86 15.59
C ASN A 331 10.73 12.99 14.83
N PHE A 332 11.97 13.42 14.82
CA PHE A 332 13.00 12.78 14.04
C PHE A 332 14.30 13.31 14.62
N ASN A 333 15.31 12.48 14.71
CA ASN A 333 16.57 12.92 15.32
C ASN A 333 17.76 12.72 14.39
N GLY A 334 17.47 12.63 13.09
CA GLY A 334 18.50 12.41 12.10
C GLY A 334 18.61 10.99 11.54
N THR A 335 18.36 9.99 12.37
CA THR A 335 18.43 8.59 11.93
C THR A 335 17.10 7.86 12.21
N ASN A 336 16.36 8.31 13.22
CA ASN A 336 15.14 7.61 13.65
C ASN A 336 13.96 8.55 13.71
N PHE A 337 12.80 8.08 13.26
CA PHE A 337 11.56 8.78 13.53
C PHE A 337 10.96 8.41 14.88
N PHE A 338 10.13 9.32 15.38
CA PHE A 338 9.48 9.15 16.67
C PHE A 338 8.02 9.54 16.57
N ILE A 339 7.20 8.83 17.36
CA ILE A 339 5.79 9.16 17.58
C ILE A 339 5.58 9.18 19.07
N ASN A 340 5.10 10.31 19.58
CA ASN A 340 5.00 10.52 21.03
C ASN A 340 6.25 10.13 21.80
N ASP A 341 7.40 10.53 21.25
CA ASP A 341 8.70 10.34 21.83
C ASP A 341 9.17 8.91 21.92
N HIS A 342 8.66 8.06 21.04
CA HIS A 342 9.17 6.68 20.94
C HIS A 342 9.41 6.29 19.49
N THR A 343 10.57 5.72 19.23
CA THR A 343 10.87 5.17 17.91
C THR A 343 10.51 3.67 18.00
N PHE A 344 9.82 3.15 16.99
CA PHE A 344 9.42 1.73 17.05
C PHE A 344 10.65 0.85 16.89
N VAL A 345 10.87 -0.04 17.85
CA VAL A 345 11.89 -1.07 17.73
C VAL A 345 11.18 -2.43 17.80
N PRO A 346 11.26 -3.22 16.74
CA PRO A 346 10.41 -4.41 16.70
C PRO A 346 10.85 -5.39 17.78
N PRO A 347 9.89 -5.96 18.52
CA PRO A 347 10.24 -6.82 19.67
C PRO A 347 10.58 -8.20 19.21
N SER A 348 11.33 -8.93 20.04
CA SER A 348 11.70 -10.34 19.78
C SER A 348 10.47 -11.21 19.67
N VAL A 349 9.55 -11.00 20.60
CA VAL A 349 8.31 -11.76 20.65
C VAL A 349 7.25 -10.91 19.91
N PRO A 350 6.66 -11.44 18.83
CA PRO A 350 5.68 -10.62 18.08
C PRO A 350 4.60 -10.12 19.03
N VAL A 351 4.11 -8.89 18.80
CA VAL A 351 3.10 -8.33 19.67
C VAL A 351 1.91 -9.31 19.82
N LEU A 352 1.48 -9.92 18.70
CA LEU A 352 0.31 -10.80 18.79
C LEU A 352 0.61 -11.96 19.73
N LEU A 353 1.85 -12.48 19.69
CA LEU A 353 2.18 -13.62 20.54
C LEU A 353 2.23 -13.17 21.99
N GLN A 354 2.69 -11.93 22.25
CA GLN A 354 2.69 -11.42 23.62
C GLN A 354 1.27 -11.41 24.15
N ILE A 355 0.35 -10.97 23.32
CA ILE A 355 -1.02 -10.81 23.73
C ILE A 355 -1.63 -12.19 23.95
N LEU A 356 -1.32 -13.12 23.08
CA LEU A 356 -1.86 -14.49 23.23
C LEU A 356 -1.30 -15.12 24.52
N SER A 357 -0.10 -14.72 24.92
CA SER A 357 0.54 -15.28 26.11
C SER A 357 -0.03 -14.69 27.38
N GLY A 358 -0.85 -13.64 27.28
CA GLY A 358 -1.49 -13.03 28.44
C GLY A 358 -1.16 -11.56 28.71
N ALA A 359 -0.29 -10.94 27.93
CA ALA A 359 -0.12 -9.47 28.11
C ALA A 359 -1.24 -8.65 27.47
N GLN A 360 -2.11 -8.05 28.30
CA GLN A 360 -3.26 -7.34 27.77
C GLN A 360 -3.30 -5.83 28.00
N ALA A 361 -2.46 -5.33 28.92
CA ALA A 361 -2.39 -3.88 29.20
C ALA A 361 -1.21 -3.22 28.52
N ALA A 362 -1.38 -1.97 28.09
CA ALA A 362 -0.30 -1.27 27.42
C ALA A 362 1.00 -1.36 28.19
N GLN A 363 0.93 -1.26 29.52
CA GLN A 363 2.16 -1.28 30.32
C GLN A 363 2.92 -2.60 30.25
N ASP A 364 2.23 -3.69 29.90
CA ASP A 364 2.85 -5.02 29.85
C ASP A 364 3.35 -5.45 28.46
N LEU A 365 3.09 -4.61 27.46
CA LEU A 365 3.38 -4.98 26.08
C LEU A 365 4.66 -4.25 25.66
N VAL A 366 5.46 -4.88 24.81
CA VAL A 366 6.68 -4.24 24.36
C VAL A 366 6.65 -4.19 22.84
N PRO A 367 7.27 -3.16 22.26
CA PRO A 367 8.06 -2.08 22.92
C PRO A 367 7.21 -1.10 23.72
N GLU A 368 7.61 -0.82 24.96
CA GLU A 368 6.85 0.08 25.83
C GLU A 368 6.68 1.42 25.15
N GLY A 369 5.46 1.94 25.17
CA GLY A 369 5.17 3.29 24.72
C GLY A 369 4.89 3.39 23.22
N SER A 370 5.11 2.30 22.50
CA SER A 370 4.72 2.20 21.07
C SER A 370 3.48 1.31 20.86
N VAL A 371 2.98 0.69 21.92
CA VAL A 371 1.77 -0.12 21.77
C VAL A 371 0.56 0.49 22.50
N PHE A 372 -0.47 0.92 21.75
CA PHE A 372 -1.64 1.60 22.31
C PHE A 372 -2.73 0.56 22.49
N VAL A 373 -3.33 0.49 23.66
CA VAL A 373 -4.39 -0.52 23.85
C VAL A 373 -5.75 0.15 23.75
N LEU A 374 -6.60 -0.32 22.83
CA LEU A 374 -7.82 0.40 22.55
C LEU A 374 -8.97 -0.47 22.98
N PRO A 375 -10.05 0.13 23.50
CA PRO A 375 -11.22 -0.65 23.91
C PRO A 375 -11.96 -1.08 22.67
N SER A 376 -12.65 -2.22 22.75
CA SER A 376 -13.42 -2.76 21.63
C SER A 376 -14.70 -1.97 21.45
N ASN A 377 -15.26 -2.05 20.25
CA ASN A 377 -16.55 -1.47 19.93
C ASN A 377 -16.65 0.02 20.27
N SER A 378 -15.57 0.75 19.99
CA SER A 378 -15.49 2.16 20.35
C SER A 378 -15.14 3.03 19.12
N SER A 379 -15.41 4.32 19.23
CA SER A 379 -14.99 5.25 18.17
C SER A 379 -13.62 5.86 18.54
N ILE A 380 -12.72 5.92 17.54
CA ILE A 380 -11.38 6.41 17.77
C ILE A 380 -11.14 7.58 16.84
N GLU A 381 -10.43 8.60 17.34
CA GLU A 381 -10.01 9.70 16.46
C GLU A 381 -8.54 9.94 16.58
N ILE A 382 -7.86 9.97 15.43
CA ILE A 382 -6.44 10.13 15.41
C ILE A 382 -6.06 11.30 14.51
N SER A 383 -5.24 12.20 15.05
CA SER A 383 -4.72 13.31 14.30
C SER A 383 -3.22 13.18 14.16
N PHE A 384 -2.73 13.55 12.98
CA PHE A 384 -1.35 13.37 12.58
C PHE A 384 -0.84 14.76 12.18
N PRO A 385 -0.74 15.71 13.07
CA PRO A 385 -0.30 17.04 12.64
C PRO A 385 1.10 17.10 12.02
N ALA A 386 1.19 17.63 10.82
CA ALA A 386 2.42 17.70 10.08
C ALA A 386 3.35 18.68 10.72
N THR A 387 4.64 18.45 10.59
CA THR A 387 5.67 19.23 11.26
C THR A 387 6.99 19.06 10.58
N ALA A 388 7.81 20.09 10.60
CA ALA A 388 9.13 20.05 9.98
C ALA A 388 10.09 19.21 10.81
N ASN A 389 9.66 18.86 12.00
CA ASN A 389 10.40 17.98 12.91
C ASN A 389 10.30 16.54 12.35
N ALA A 390 9.42 16.33 11.36
CA ALA A 390 9.38 15.02 10.66
C ALA A 390 9.61 15.22 9.16
N PRO A 391 10.88 15.32 8.75
CA PRO A 391 11.20 15.57 7.36
C PRO A 391 10.80 14.38 6.50
N GLY A 392 10.82 14.58 5.20
CA GLY A 392 10.27 13.64 4.24
C GLY A 392 8.76 13.69 4.13
N PHE A 393 8.14 14.73 4.66
CA PHE A 393 6.71 14.90 4.46
C PHE A 393 6.45 15.19 2.98
N PRO A 394 5.23 14.85 2.49
CA PRO A 394 4.05 14.39 3.24
C PRO A 394 4.08 12.85 3.50
N HIS A 395 3.92 12.48 4.75
CA HIS A 395 4.04 11.06 5.14
C HIS A 395 2.69 10.41 4.88
N PRO A 396 2.66 9.34 4.06
CA PRO A 396 1.36 8.66 3.89
C PRO A 396 1.19 7.53 4.97
N PHE A 397 0.34 7.79 5.98
CA PHE A 397 0.13 6.82 7.03
C PHE A 397 -0.95 5.82 6.63
N HIS A 398 -0.72 4.63 7.14
CA HIS A 398 -1.52 3.46 6.79
C HIS A 398 -1.95 2.81 8.08
N LEU A 399 -3.23 2.44 8.20
CA LEU A 399 -3.72 1.72 9.38
C LEU A 399 -4.16 0.33 8.93
N HIS A 400 -3.57 -0.70 9.50
CA HIS A 400 -3.97 -2.09 9.21
C HIS A 400 -5.33 -2.39 9.84
N GLY A 401 -6.03 -3.38 9.28
CA GLY A 401 -7.19 -3.97 9.94
C GLY A 401 -8.51 -3.27 9.71
N HIS A 402 -8.46 -2.09 9.09
CA HIS A 402 -9.67 -1.24 8.92
C HIS A 402 -9.57 -0.31 7.74
N ALA A 403 -10.69 0.31 7.40
CA ALA A 403 -10.73 1.54 6.64
C ALA A 403 -11.22 2.64 7.58
N PHE A 404 -10.62 3.83 7.48
CA PHE A 404 -10.94 4.97 8.38
C PHE A 404 -11.59 6.07 7.55
N ALA A 405 -12.41 6.89 8.21
CA ALA A 405 -12.96 8.10 7.61
C ALA A 405 -11.90 9.19 7.69
N VAL A 406 -11.58 9.84 6.56
CA VAL A 406 -10.62 10.96 6.57
C VAL A 406 -11.43 12.26 6.85
N VAL A 407 -11.61 12.57 8.12
CA VAL A 407 -12.54 13.68 8.46
C VAL A 407 -11.87 15.06 8.11
N ARG A 408 -10.56 15.07 8.07
CA ARG A 408 -9.85 16.25 7.59
C ARG A 408 -8.67 15.82 6.68
N SER A 409 -8.68 16.25 5.41
CA SER A 409 -7.64 15.88 4.46
C SER A 409 -6.52 16.91 4.48
N ALA A 410 -5.35 16.53 3.95
CA ALA A 410 -4.24 17.45 3.78
C ALA A 410 -4.66 18.62 2.88
N GLY A 411 -4.15 19.82 3.17
CA GLY A 411 -4.38 20.97 2.30
C GLY A 411 -5.77 21.54 2.52
N SER A 412 -6.44 21.06 3.57
CA SER A 412 -7.85 21.42 3.79
C SER A 412 -7.97 21.77 5.27
N SER A 413 -8.78 22.79 5.61
CA SER A 413 -9.07 23.07 7.02
C SER A 413 -10.51 22.70 7.37
N VAL A 414 -11.23 22.14 6.40
CA VAL A 414 -12.57 21.58 6.64
C VAL A 414 -12.50 20.29 7.46
N TYR A 415 -13.40 20.16 8.44
CA TYR A 415 -13.75 18.85 9.00
C TYR A 415 -15.05 18.35 8.37
N ASN A 416 -15.03 17.14 7.80
CA ASN A 416 -16.23 16.55 7.26
C ASN A 416 -16.70 15.33 8.05
N TYR A 417 -17.74 15.49 8.88
CA TYR A 417 -18.27 14.41 9.70
C TYR A 417 -19.48 13.77 9.08
N ASP A 418 -19.81 14.19 7.86
CA ASP A 418 -20.97 13.74 7.11
C ASP A 418 -20.64 12.59 6.11
N ASN A 419 -20.04 12.94 4.98
CA ASN A 419 -19.78 11.92 3.98
C ASN A 419 -18.32 11.90 3.51
N PRO A 420 -17.35 11.89 4.45
CA PRO A 420 -15.96 11.88 3.97
C PRO A 420 -15.61 10.51 3.36
N ILE A 421 -14.58 10.50 2.50
CA ILE A 421 -14.08 9.21 1.99
C ILE A 421 -13.61 8.36 3.18
N PHE A 422 -13.73 7.04 3.04
CA PHE A 422 -13.05 6.05 3.86
C PHE A 422 -11.93 5.43 3.03
N ARG A 423 -10.78 5.23 3.63
CA ARG A 423 -9.68 4.59 2.89
C ARG A 423 -8.71 3.98 3.86
N ASP A 424 -7.57 3.49 3.36
CA ASP A 424 -6.62 2.95 4.35
C ASP A 424 -5.22 3.56 4.37
N VAL A 425 -4.88 4.36 3.35
CA VAL A 425 -3.61 5.12 3.39
C VAL A 425 -3.94 6.60 3.15
N VAL A 426 -3.39 7.48 3.98
CA VAL A 426 -3.75 8.93 3.82
C VAL A 426 -2.54 9.84 3.95
N SER A 427 -2.40 10.76 3.01
CA SER A 427 -1.30 11.71 3.11
C SER A 427 -1.52 12.59 4.35
N THR A 428 -0.50 12.72 5.21
CA THR A 428 -0.59 13.59 6.37
C THR A 428 -0.04 14.99 6.08
N GLY A 429 0.28 15.26 4.83
CA GLY A 429 0.37 16.65 4.37
C GLY A 429 1.64 17.34 4.86
N GLN A 430 1.55 18.65 5.00
CA GLN A 430 2.76 19.49 5.20
C GLN A 430 2.46 20.45 6.36
N PRO A 431 3.51 20.99 6.96
CA PRO A 431 3.37 21.83 8.16
C PRO A 431 2.26 22.84 7.92
N GLY A 432 1.35 22.95 8.87
CA GLY A 432 0.06 23.67 8.64
C GLY A 432 -1.16 22.74 8.60
N ASP A 433 -0.95 21.51 8.15
CA ASP A 433 -2.04 20.51 8.08
C ASP A 433 -2.29 19.84 9.44
N ASN A 434 -3.48 19.26 9.60
CA ASN A 434 -3.68 18.42 10.77
C ASN A 434 -4.64 17.30 10.37
N VAL A 435 -4.13 16.44 9.50
CA VAL A 435 -4.94 15.37 8.92
C VAL A 435 -5.53 14.50 10.03
N THR A 436 -6.84 14.28 10.00
CA THR A 436 -7.53 13.60 11.09
C THR A 436 -8.48 12.49 10.56
N ILE A 437 -8.41 11.33 11.20
CA ILE A 437 -9.18 10.14 10.78
C ILE A 437 -10.04 9.63 11.91
N ARG A 438 -11.10 8.89 11.57
CA ARG A 438 -11.79 8.10 12.61
C ARG A 438 -12.00 6.68 12.14
N PHE A 439 -12.07 5.77 13.09
CA PHE A 439 -12.49 4.39 12.81
C PHE A 439 -13.17 3.81 14.03
N GLU A 440 -13.87 2.69 13.84
CA GLU A 440 -14.49 1.98 14.96
CA GLU A 440 -14.50 1.99 14.96
C GLU A 440 -13.68 0.73 15.24
N THR A 441 -13.46 0.42 16.52
CA THR A 441 -12.77 -0.81 16.87
C THR A 441 -13.70 -2.06 16.77
N ASN A 442 -13.84 -2.54 15.54
CA ASN A 442 -14.64 -3.73 15.25
C ASN A 442 -13.86 -4.96 14.85
N ASN A 443 -12.59 -4.99 15.21
CA ASN A 443 -11.69 -6.02 14.68
C ASN A 443 -10.60 -6.40 15.65
N PRO A 444 -10.94 -7.23 16.66
CA PRO A 444 -9.99 -7.57 17.71
C PRO A 444 -8.57 -7.95 17.22
N GLY A 445 -7.54 -7.27 17.71
CA GLY A 445 -6.16 -7.75 17.49
C GLY A 445 -5.20 -6.58 17.44
N PRO A 446 -3.88 -6.86 17.32
CA PRO A 446 -2.96 -5.72 17.24
C PRO A 446 -2.81 -5.34 15.74
N TRP A 447 -3.01 -4.07 15.43
CA TRP A 447 -2.88 -3.60 14.06
C TRP A 447 -1.79 -2.53 13.94
N PHE A 448 -0.93 -2.64 12.92
CA PHE A 448 0.17 -1.65 12.75
C PHE A 448 -0.40 -0.33 12.19
N LEU A 449 0.23 0.80 12.56
CA LEU A 449 -0.18 2.12 12.10
C LEU A 449 1.11 2.88 11.86
N HIS A 450 1.42 3.13 10.58
CA HIS A 450 2.79 3.58 10.27
C HIS A 450 2.85 4.37 9.00
N CYS A 451 3.97 5.09 8.82
CA CYS A 451 4.21 5.70 7.55
C CYS A 451 4.54 4.63 6.51
N HIS A 452 3.97 4.75 5.33
CA HIS A 452 4.18 3.73 4.32
C HIS A 452 5.35 4.07 3.39
N ILE A 453 6.11 5.10 3.74
CA ILE A 453 7.43 5.26 3.15
C ILE A 453 8.38 4.26 3.85
N ASP A 454 8.83 3.24 3.13
CA ASP A 454 9.34 2.05 3.79
C ASP A 454 10.64 2.37 4.55
N PHE A 455 11.37 3.37 4.02
CA PHE A 455 12.59 3.84 4.71
C PHE A 455 12.27 4.49 6.05
N HIS A 456 11.14 5.17 6.15
CA HIS A 456 10.73 5.75 7.41
C HIS A 456 10.24 4.70 8.40
N LEU A 457 9.36 3.80 7.93
CA LEU A 457 8.95 2.68 8.76
C LEU A 457 10.17 2.01 9.39
N ASP A 458 11.14 1.63 8.55
CA ASP A 458 12.32 0.92 9.02
C ASP A 458 13.15 1.75 10.01
N ALA A 459 13.00 3.06 9.98
CA ALA A 459 13.67 3.97 10.92
C ALA A 459 12.77 4.28 12.11
N GLY A 460 11.69 3.51 12.25
CA GLY A 460 10.89 3.54 13.49
C GLY A 460 9.59 4.33 13.48
N PHE A 461 9.13 4.73 12.30
CA PHE A 461 7.97 5.63 12.25
C PHE A 461 6.65 4.81 12.29
N ALA A 462 6.29 4.26 13.46
CA ALA A 462 5.20 3.28 13.54
C ALA A 462 4.77 3.17 14.98
N VAL A 463 3.51 2.82 15.20
CA VAL A 463 3.01 2.41 16.51
C VAL A 463 2.13 1.19 16.24
N VAL A 464 1.68 0.56 17.31
CA VAL A 464 0.73 -0.58 17.17
C VAL A 464 -0.57 -0.25 17.88
N MET A 465 -1.71 -0.40 17.18
CA MET A 465 -2.99 -0.14 17.78
C MET A 465 -3.61 -1.48 18.16
N ALA A 466 -3.49 -1.83 19.44
CA ALA A 466 -3.91 -3.18 19.92
C ALA A 466 -5.32 -3.07 20.45
N GLU A 467 -6.32 -3.46 19.66
CA GLU A 467 -7.71 -3.30 20.12
C GLU A 467 -8.33 -4.60 20.64
N ASP A 468 -9.10 -4.45 21.70
CA ASP A 468 -9.76 -5.58 22.36
C ASP A 468 -8.78 -6.66 22.74
N THR A 469 -7.79 -6.30 23.54
CA THR A 469 -6.80 -7.29 23.97
C THR A 469 -7.44 -8.48 24.71
N PRO A 470 -8.54 -8.23 25.44
CA PRO A 470 -9.06 -9.39 26.22
C PRO A 470 -9.75 -10.46 25.34
N ASP A 471 -10.16 -10.10 24.12
CA ASP A 471 -10.81 -11.06 23.23
C ASP A 471 -9.95 -11.44 22.02
N THR A 472 -8.70 -10.97 22.03
CA THR A 472 -7.80 -11.21 20.88
C THR A 472 -7.51 -12.70 20.68
N LYS A 473 -7.28 -13.43 21.78
CA LYS A 473 -6.94 -14.84 21.63
C LYS A 473 -8.13 -15.62 21.06
N ALA A 474 -9.32 -15.36 21.60
CA ALA A 474 -10.53 -16.05 21.19
C ALA A 474 -10.84 -15.69 19.74
N ALA A 475 -10.67 -14.41 19.39
CA ALA A 475 -11.09 -13.95 18.08
C ALA A 475 -10.16 -14.47 16.98
N ASN A 476 -8.90 -14.75 17.32
CA ASN A 476 -7.84 -15.05 16.33
C ASN A 476 -7.09 -16.32 16.68
N PRO A 477 -7.77 -17.47 16.56
CA PRO A 477 -7.08 -18.79 16.71
C PRO A 477 -5.91 -18.93 15.74
N VAL A 478 -4.76 -19.41 16.21
CA VAL A 478 -3.59 -19.46 15.33
C VAL A 478 -3.31 -20.87 14.85
N PRO A 479 -2.84 -21.01 13.61
CA PRO A 479 -2.61 -22.37 13.18
C PRO A 479 -1.32 -22.83 13.75
N GLN A 480 -1.17 -24.14 13.90
CA GLN A 480 0.10 -24.66 14.33
C GLN A 480 1.28 -24.10 13.53
N ALA A 481 1.12 -23.94 12.21
CA ALA A 481 2.28 -23.52 11.42
C ALA A 481 2.77 -22.14 11.91
N TRP A 482 1.81 -21.34 12.33
CA TRP A 482 2.12 -19.97 12.79
C TRP A 482 2.88 -20.06 14.12
N SER A 483 2.41 -20.92 15.02
CA SER A 483 3.12 -21.15 16.28
C SER A 483 4.52 -21.68 16.11
N ASP A 484 4.79 -22.33 14.98
CA ASP A 484 6.13 -22.84 14.69
C ASP A 484 7.09 -21.79 14.22
N LEU A 485 6.57 -20.69 13.68
CA LEU A 485 7.44 -19.71 13.03
C LEU A 485 8.50 -19.14 14.00
N CYS A 486 8.10 -18.74 15.20
CA CYS A 486 9.10 -18.11 16.06
C CYS A 486 10.26 -19.07 16.45
N PRO A 487 9.92 -20.34 16.77
CA PRO A 487 11.05 -21.24 17.13
C PRO A 487 12.00 -21.48 15.98
N ILE A 488 11.47 -21.57 14.74
CA ILE A 488 12.35 -21.71 13.59
C ILE A 488 13.18 -20.44 13.47
N TYR A 489 12.52 -19.28 13.55
CA TYR A 489 13.18 -18.03 13.24
C TYR A 489 14.30 -17.76 14.28
N ASP A 490 13.97 -17.93 15.55
CA ASP A 490 14.87 -17.63 16.65
C ASP A 490 16.06 -18.58 16.69
N ALA A 491 15.95 -19.72 15.99
CA ALA A 491 17.09 -20.65 15.85
C ALA A 491 18.07 -20.28 14.74
N LEU A 492 17.73 -19.30 13.88
CA LEU A 492 18.58 -19.04 12.71
C LEU A 492 19.87 -18.39 13.15
N ASP A 493 20.96 -18.72 12.46
CA ASP A 493 22.18 -17.95 12.53
C ASP A 493 21.99 -16.57 11.91
N PRO A 494 22.70 -15.54 12.41
CA PRO A 494 22.47 -14.16 11.97
C PRO A 494 22.76 -13.99 10.49
N SER A 495 23.62 -14.82 9.95
CA SER A 495 23.97 -14.75 8.56
C SER A 495 22.88 -15.34 7.65
N ASP A 496 21.83 -15.91 8.26
CA ASP A 496 20.73 -16.48 7.48
C ASP A 496 19.43 -15.67 7.61
N LEU A 497 19.52 -14.49 8.21
CA LEU A 497 18.32 -13.63 8.39
C LEU A 497 17.94 -13.00 7.04
C1 NAG B . 23.07 -10.07 -3.05
C2 NAG B . 23.98 -10.20 -4.25
C3 NAG B . 24.91 -9.00 -4.40
C4 NAG B . 24.04 -7.71 -4.42
C5 NAG B . 23.03 -7.69 -3.27
C6 NAG B . 22.08 -6.45 -3.24
C7 NAG B . 24.66 -12.38 -5.23
C8 NAG B . 25.36 -13.72 -5.10
N2 NAG B . 24.67 -11.53 -4.18
O3 NAG B . 25.64 -9.16 -5.63
O4 NAG B . 24.80 -6.54 -4.15
O5 NAG B . 22.28 -8.89 -3.18
O6 NAG B . 21.36 -6.51 -4.46
O7 NAG B . 24.11 -12.14 -6.29
C1 NAG B . 25.57 -6.14 -5.30
C2 NAG B . 25.23 -4.67 -5.65
C3 NAG B . 26.19 -4.18 -6.74
C4 NAG B . 27.65 -4.44 -6.22
C5 NAG B . 27.77 -5.95 -5.98
C6 NAG B . 29.22 -6.43 -5.68
C7 NAG B . 22.92 -3.78 -5.64
C8 NAG B . 21.56 -3.96 -6.31
N2 NAG B . 23.83 -4.64 -6.13
O3 NAG B . 25.95 -2.80 -6.99
O4 NAG B . 28.54 -4.28 -7.29
O5 NAG B . 26.94 -6.22 -4.88
O6 NAG B . 29.58 -5.76 -4.50
O7 NAG B . 23.06 -2.98 -4.70
C1 BMA B . 28.81 -2.89 -7.54
C2 BMA B . 30.33 -2.81 -7.68
C3 BMA B . 30.70 -1.37 -7.96
C4 BMA B . 30.13 -1.08 -9.34
C5 BMA B . 28.66 -1.48 -9.52
C6 BMA B . 28.38 -1.84 -10.99
O2 BMA B . 30.67 -3.55 -8.83
O3 BMA B . 32.12 -1.24 -7.91
O4 BMA B . 30.28 0.31 -9.63
O5 BMA B . 28.23 -2.62 -8.80
O6 BMA B . 27.39 -0.97 -11.48
C1 MAN B . 27.56 -0.86 -12.91
C2 MAN B . 28.21 -2.11 -13.51
C3 MAN B . 28.00 -1.97 -15.00
C4 MAN B . 27.10 -0.75 -15.11
C5 MAN B . 27.88 0.51 -14.75
C6 MAN B . 27.06 1.78 -14.98
O2 MAN B . 27.51 -3.24 -13.06
O3 MAN B . 27.36 -3.14 -15.45
O4 MAN B . 26.40 -0.65 -16.34
O5 MAN B . 28.19 0.33 -13.39
O6 MAN B . 26.61 2.34 -13.76
C1 NAG C . -4.18 16.23 -27.18
C2 NAG C . -4.17 16.27 -28.71
C3 NAG C . -3.43 17.51 -29.22
C4 NAG C . -3.90 18.75 -28.46
C5 NAG C . -3.46 18.49 -27.03
C6 NAG C . -3.42 19.74 -26.15
C7 NAG C . -2.31 14.65 -29.13
C8 NAG C . -1.95 13.31 -29.76
N2 NAG C . -3.59 15.04 -29.29
O3 NAG C . -3.53 17.60 -30.63
O4 NAG C . -3.22 19.90 -28.91
O5 NAG C . -4.28 17.47 -26.49
O6 NAG C . -4.51 19.81 -25.27
O7 NAG C . -1.48 15.33 -28.48
C1 NAG C . -4.12 21.03 -28.89
C2 NAG C . -3.23 22.26 -29.05
C3 NAG C . -3.82 23.43 -29.84
C4 NAG C . -4.75 22.91 -30.93
C5 NAG C . -5.82 22.08 -30.26
C6 NAG C . -6.92 21.73 -31.25
C7 NAG C . -1.55 22.53 -27.36
C8 NAG C . -1.16 22.95 -25.97
N2 NAG C . -2.81 22.68 -27.73
O3 NAG C . -2.75 24.15 -30.42
O4 NAG C . -5.33 23.98 -31.67
O5 NAG C . -5.17 20.89 -29.84
O6 NAG C . -6.30 21.19 -32.41
O7 NAG C . -0.73 22.03 -28.13
C1 NAG D . 18.30 8.84 17.47
C2 NAG D . 19.79 8.69 17.83
C3 NAG D . 20.13 7.22 17.85
C4 NAG D . 19.21 6.49 18.81
C5 NAG D . 17.78 6.70 18.33
C6 NAG D . 16.85 6.03 19.32
C7 NAG D . 21.33 10.36 16.94
C8 NAG D . 22.13 10.83 15.77
N2 NAG D . 20.64 9.24 16.78
O3 NAG D . 21.49 7.02 18.17
O4 NAG D . 19.53 5.12 18.72
O5 NAG D . 17.50 8.09 18.34
O6 NAG D . 16.92 6.78 20.51
O7 NAG D . 21.24 11.06 17.95
C1 NAG D . 19.85 4.56 20.02
C2 NAG D . 20.07 3.07 19.79
C3 NAG D . 20.31 2.32 21.09
C4 NAG D . 21.41 3.00 21.90
C5 NAG D . 21.50 4.54 21.80
C6 NAG D . 22.97 4.91 21.91
C7 NAG D . 19.23 2.52 17.62
C8 NAG D . 20.56 3.07 17.15
N2 NAG D . 19.02 2.52 18.93
O3 NAG D . 20.76 1.02 20.76
O4 NAG D . 21.36 2.60 23.26
O5 NAG D . 21.02 5.10 20.57
O6 NAG D . 23.66 4.24 20.87
O7 NAG D . 18.42 2.10 16.79
C1 NAG E . -4.44 18.57 15.73
C2 NAG E . -3.86 19.69 16.64
C3 NAG E . -4.03 19.34 18.11
C4 NAG E . -5.40 18.86 18.46
C5 NAG E . -5.78 17.72 17.48
C6 NAG E . -7.17 17.19 17.79
C7 NAG E . -2.12 20.98 15.59
C8 NAG E . -0.67 21.29 15.39
N2 NAG E . -2.45 19.98 16.42
O3 NAG E . -3.60 20.39 18.96
O4 NAG E . -5.31 18.29 19.75
O5 NAG E . -5.73 18.24 16.16
O6 NAG E . -8.18 18.17 17.56
O7 NAG E . -2.98 21.63 15.01
C1 NAG E . -6.36 18.82 20.58
C2 NAG E . -6.37 18.07 21.91
C3 NAG E . -7.32 18.71 22.92
C4 NAG E . -7.39 20.26 22.91
C5 NAG E . -7.30 20.71 21.46
C6 NAG E . -7.35 22.22 21.29
C7 NAG E . -5.92 15.66 21.85
C8 NAG E . -6.41 14.27 21.61
N2 NAG E . -6.78 16.68 21.70
O3 NAG E . -6.99 18.18 24.17
O4 NAG E . -8.69 20.69 23.31
O5 NAG E . -6.13 20.19 20.84
O6 NAG E . -6.23 22.70 21.99
O7 NAG E . -4.75 15.83 22.15
C1 BMA E . -9.01 20.78 24.74
C2 BMA E . -7.94 20.25 25.69
C3 BMA E . -8.48 20.31 27.11
C4 BMA E . -8.87 21.77 27.40
C5 BMA E . -9.94 22.23 26.41
C6 BMA E . -10.37 23.68 26.68
O2 BMA E . -6.78 21.06 25.65
O3 BMA E . -7.50 19.86 28.01
O4 BMA E . -9.35 21.92 28.71
O5 BMA E . -9.43 22.09 25.10
O6 BMA E . -9.25 24.50 26.91
CU CU F . 7.23 9.01 6.21
CU CU G . 1.90 -1.95 7.15
CU CU H . 1.14 -1.83 2.49
CU CU I . -1.65 -2.71 5.18
O1 PER J . 1.18 -1.71 4.26
O2 PER J . 2.06 -1.71 5.38
C1 NAG K . -21.38 -1.54 20.70
C2 NAG K . -22.48 -2.45 20.11
C3 NAG K . -23.95 -2.00 20.36
C4 NAG K . -24.13 -0.83 21.31
C5 NAG K . -22.99 0.18 21.11
C6 NAG K . -23.21 1.42 21.98
C7 NAG K . -21.94 -3.72 18.01
C8 NAG K . -21.89 -3.61 16.51
N2 NAG K . -22.30 -2.60 18.66
O3 NAG K . -24.74 -3.09 20.79
O4 NAG K . -25.40 -0.24 21.08
O5 NAG K . -21.80 -0.46 21.52
O6 NAG K . -22.50 2.52 21.44
O7 NAG K . -21.64 -4.78 18.57
O1S AS8 L . 13.53 10.61 0.91
O2S AS8 L . 11.47 10.58 1.74
O3S AS8 L . 12.41 12.69 1.64
C1M AS8 L . 13.82 11.71 5.78
C1 AS8 L . 13.80 11.76 4.29
O2 AS8 L . 14.40 12.63 3.72
O1 AS8 L . 13.03 10.85 3.42
S AS8 L . 12.82 11.28 1.93
C ACT M . -13.95 -1.21 8.84
O ACT M . -14.50 -1.99 9.67
OXT ACT M . -12.78 -0.94 9.20
CH3 ACT M . -14.60 -0.68 7.58
S SO4 N . -18.55 6.33 -26.58
O1 SO4 N . -17.31 6.56 -27.34
O2 SO4 N . -18.97 4.94 -26.85
O3 SO4 N . -19.62 7.24 -27.09
O4 SO4 N . -18.37 6.57 -25.13
S SO4 O . -16.64 -6.94 23.47
O1 SO4 O . -15.76 -6.77 24.64
O2 SO4 O . -17.53 -5.79 23.33
O3 SO4 O . -15.86 -7.08 22.22
O4 SO4 O . -17.43 -8.16 23.67
C1 GOL P . 9.93 -5.03 11.29
O1 GOL P . 10.57 -4.98 10.02
C2 GOL P . 8.61 -4.26 11.31
O2 GOL P . 8.78 -2.84 11.41
C3 GOL P . 7.62 -4.73 10.22
O3 GOL P . 7.43 -3.84 9.12
C1 GOL Q . -4.25 16.94 -17.97
O1 GOL Q . -3.53 16.13 -17.03
C2 GOL Q . -4.06 16.45 -19.41
O2 GOL Q . -2.70 16.41 -19.79
C3 GOL Q . -4.68 15.06 -19.62
O3 GOL Q . -6.07 15.17 -19.36
C1 GOL R . -11.69 12.45 -23.18
O1 GOL R . -12.28 12.75 -21.95
C2 GOL R . -12.00 11.00 -23.54
O2 GOL R . -11.92 10.84 -24.93
C3 GOL R . -10.99 10.10 -22.90
O3 GOL R . -10.94 10.33 -21.51
C1 GOL S . -15.97 -6.49 -13.72
O1 GOL S . -15.41 -5.64 -12.74
C2 GOL S . -17.07 -7.34 -13.08
O2 GOL S . -16.48 -8.04 -11.98
C3 GOL S . -18.19 -6.46 -12.55
O3 GOL S . -19.17 -7.23 -11.87
ZN ZN T . -12.89 -1.89 10.99
ZN ZN U . 22.52 -14.05 -9.89
ZN ZN V . -14.42 -8.32 22.20
ZN ZN W . 8.82 5.16 27.13
ZN ZN X . -18.14 16.76 -2.47
ZN ZN Y . 15.29 -24.68 8.43
ZN ZN Z . 24.10 -9.72 8.56
ZN ZN AA . -25.05 15.08 3.81
NA NA BA . 12.86 17.75 16.36
#